data_2VER
#
_entry.id   2VER
#
_cell.length_a   1.000
_cell.length_b   1.000
_cell.length_c   1.000
_cell.angle_alpha   90.00
_cell.angle_beta   90.00
_cell.angle_gamma   90.00
#
_symmetry.space_group_name_H-M   'P 1'
#
loop_
_entity.id
_entity.type
_entity.pdbx_description
1 polymer 'AFIMBRIAL ADHESIN AFA-III'
2 polymer 'ARCINOEMBRYONIC ANTIGEN-RELATED CELL ADHESION MOLECULE 5'
3 non-polymer 'S-[(1-oxyl-2,2,5,5-tetramethyl-2,5-dihydro-1H-pyrrol-3-yl)methyl] methanesulfonothioate'
#
loop_
_entity_poly.entity_id
_entity_poly.type
_entity_poly.pdbx_seq_one_letter_code
_entity_poly.pdbx_strand_id
1 'polypeptide(L)'
;EECQVRVGDLTVAKTRGQLTDAAPIGPVTVQALGCNARQVALKADTDNFEQGKFFLISDNNRDKLYVNIRPMDNSAWTTD
NGVFYKNDVGSWGGTIGIYVDGQQTNTPPGNYTLTLTGGYWAKDNKQGFTPSGTTGTTKLTVT
;
A
2 'polypeptide(L)'
;KLTIESTPFNVAEGKEVLLLVHNLPQHLFGYSWYKGERCDGNCQIIGYVIGTQCATPGPAYSGREIIYPNASLLIQNIIQ
NDTGFYTLHVIKSDLVNEEATGQFRVYPEL
;
N
#
# COMPACT_ATOMS: atom_id res chain seq x y z
N GLU A 1 9.26 14.58 -13.47
CA GLU A 1 9.30 13.24 -12.86
C GLU A 1 10.00 13.30 -11.50
N GLU A 2 9.33 12.81 -10.47
CA GLU A 2 9.89 12.80 -9.13
C GLU A 2 9.20 11.72 -8.30
N CYS A 3 9.75 11.44 -7.12
CA CYS A 3 9.18 10.44 -6.23
C CYS A 3 7.85 10.91 -5.68
N GLN A 4 6.77 10.52 -6.35
CA GLN A 4 5.44 10.92 -5.91
C GLN A 4 4.75 9.78 -5.20
N VAL A 5 4.36 10.02 -3.96
CA VAL A 5 3.67 9.03 -3.16
C VAL A 5 2.24 9.50 -2.93
N ARG A 6 1.29 8.69 -3.35
CA ARG A 6 -0.10 9.06 -3.18
C ARG A 6 -0.67 8.54 -1.86
N VAL A 7 -0.81 9.43 -0.90
CA VAL A 7 -1.41 9.08 0.38
C VAL A 7 -2.87 9.54 0.38
N GLY A 8 -3.78 8.63 0.71
CA GLY A 8 -5.19 8.97 0.70
C GLY A 8 -5.73 9.31 2.07
N ASP A 9 -6.75 10.17 2.09
CA ASP A 9 -7.40 10.58 3.32
C ASP A 9 -8.34 9.48 3.81
N LEU A 10 -8.52 9.38 5.11
CA LEU A 10 -9.39 8.35 5.67
C LEU A 10 -9.95 8.76 7.03
N THR A 11 -11.26 8.70 7.15
CA THR A 11 -11.94 8.99 8.40
C THR A 11 -12.60 7.72 8.92
N VAL A 12 -12.23 7.29 10.11
CA VAL A 12 -12.80 6.07 10.67
C VAL A 12 -13.13 6.25 12.14
N ALA A 13 -14.13 5.51 12.60
CA ALA A 13 -14.57 5.56 13.98
C ALA A 13 -13.94 4.42 14.77
N LYS A 14 -13.07 4.77 15.70
CA LYS A 14 -12.39 3.78 16.53
C LYS A 14 -11.87 4.42 17.80
N THR A 15 -11.68 3.60 18.82
CA THR A 15 -11.18 4.07 20.10
C THR A 15 -9.68 3.94 20.17
N ARG A 16 -9.07 4.61 21.14
CA ARG A 16 -7.63 4.57 21.32
C ARG A 16 -7.22 3.26 21.97
N GLY A 17 -8.21 2.53 22.47
CA GLY A 17 -7.96 1.25 23.11
C GLY A 17 -7.89 0.12 22.11
N GLN A 18 -8.40 0.36 20.91
CA GLN A 18 -8.36 -0.64 19.85
C GLN A 18 -6.93 -0.77 19.33
N LEU A 19 -6.14 0.25 19.61
CA LEU A 19 -4.75 0.30 19.20
C LEU A 19 -3.87 -0.49 20.16
N THR A 20 -3.98 -1.81 20.09
CA THR A 20 -3.19 -2.68 20.93
C THR A 20 -1.84 -2.99 20.28
N ASP A 21 -0.83 -2.20 20.67
CA ASP A 21 0.53 -2.34 20.14
C ASP A 21 0.52 -2.11 18.63
N ALA A 22 0.45 -3.19 17.86
CA ALA A 22 0.42 -3.07 16.41
C ALA A 22 -0.95 -3.46 15.89
N ALA A 23 -1.80 -2.47 15.70
CA ALA A 23 -3.13 -2.68 15.18
C ALA A 23 -3.36 -1.81 13.96
N PRO A 24 -3.39 -2.40 12.76
CA PRO A 24 -3.60 -1.64 11.53
C PRO A 24 -5.03 -1.14 11.44
N ILE A 25 -5.21 0.12 11.80
CA ILE A 25 -6.53 0.73 11.79
C ILE A 25 -6.82 1.39 10.45
N GLY A 26 -7.06 0.57 9.43
CA GLY A 26 -7.36 1.09 8.11
C GLY A 26 -6.22 0.88 7.15
N PRO A 27 -6.43 0.08 6.08
CA PRO A 27 -5.42 -0.17 5.08
C PRO A 27 -5.44 0.86 3.97
N VAL A 28 -4.35 1.62 3.85
CA VAL A 28 -4.25 2.64 2.81
C VAL A 28 -3.39 2.15 1.66
N THR A 29 -4.02 1.94 0.50
CA THR A 29 -3.31 1.48 -0.68
C THR A 29 -2.47 2.62 -1.27
N VAL A 30 -1.20 2.65 -0.92
CA VAL A 30 -0.31 3.69 -1.40
C VAL A 30 0.75 3.14 -2.34
N GLN A 31 0.93 3.85 -3.44
CA GLN A 31 1.91 3.48 -4.44
C GLN A 31 2.81 4.67 -4.70
N ALA A 32 4.09 4.41 -4.87
CA ALA A 32 5.06 5.47 -5.12
C ALA A 32 5.55 5.45 -6.56
N LEU A 33 5.46 6.60 -7.21
CA LEU A 33 5.90 6.74 -8.58
C LEU A 33 7.35 7.19 -8.60
N GLY A 34 8.19 6.45 -9.30
CA GLY A 34 9.60 6.79 -9.37
C GLY A 34 10.37 6.16 -8.23
N CYS A 35 11.41 6.85 -7.78
CA CYS A 35 12.27 6.38 -6.70
C CYS A 35 12.86 5.01 -7.01
N ASN A 36 13.67 4.96 -8.06
CA ASN A 36 14.31 3.70 -8.45
C ASN A 36 15.55 3.47 -7.60
N ALA A 37 16.17 4.55 -7.18
CA ALA A 37 17.36 4.48 -6.35
C ALA A 37 17.25 5.38 -5.12
N ARG A 38 16.03 5.84 -4.86
CA ARG A 38 15.78 6.72 -3.72
C ARG A 38 14.89 6.02 -2.70
N GLN A 39 14.98 6.43 -1.45
CA GLN A 39 14.19 5.83 -0.39
C GLN A 39 12.84 6.55 -0.25
N VAL A 40 11.78 5.77 -0.17
CA VAL A 40 10.44 6.31 0.00
C VAL A 40 10.20 6.61 1.47
N ALA A 41 9.64 7.77 1.78
CA ALA A 41 9.42 8.15 3.17
C ALA A 41 8.10 8.88 3.39
N LEU A 42 7.58 8.72 4.60
CA LEU A 42 6.33 9.35 5.01
C LEU A 42 6.62 10.34 6.12
N LYS A 43 6.11 11.56 5.96
CA LYS A 43 6.32 12.64 6.92
C LYS A 43 5.00 13.36 7.20
N ALA A 44 4.75 13.67 8.45
CA ALA A 44 3.51 14.34 8.82
C ALA A 44 3.62 15.85 8.61
N ASP A 45 2.47 16.48 8.35
CA ASP A 45 2.39 17.92 8.13
C ASP A 45 2.97 18.67 9.33
N THR A 46 3.38 19.93 9.12
CA THR A 46 3.98 20.72 10.20
C THR A 46 3.02 20.93 11.38
N ASP A 47 1.72 20.76 11.16
CA ASP A 47 0.76 20.92 12.23
C ASP A 47 0.69 19.66 13.08
N ASN A 48 1.23 18.58 12.53
CA ASN A 48 1.25 17.29 13.20
C ASN A 48 2.69 16.79 13.37
N PHE A 49 3.64 17.64 13.04
CA PHE A 49 5.03 17.27 13.12
C PHE A 49 5.84 18.40 13.74
N GLU A 50 6.47 18.12 14.89
CA GLU A 50 7.29 19.11 15.57
C GLU A 50 8.53 18.45 16.13
N GLN A 51 9.65 19.17 16.09
CA GLN A 51 10.92 18.67 16.63
C GLN A 51 11.31 17.32 16.00
N GLY A 52 10.98 17.15 14.73
CA GLY A 52 11.31 15.93 14.05
C GLY A 52 10.51 14.73 14.55
N LYS A 53 9.29 14.99 15.01
CA LYS A 53 8.43 13.91 15.51
C LYS A 53 7.01 14.10 14.98
N PHE A 54 6.33 13.00 14.67
CA PHE A 54 4.97 13.08 14.18
C PHE A 54 3.98 12.64 15.25
N PHE A 55 2.88 13.36 15.36
CA PHE A 55 1.87 13.06 16.37
C PHE A 55 0.48 13.55 15.93
N LEU A 56 -0.53 13.06 16.62
CA LEU A 56 -1.89 13.48 16.36
C LEU A 56 -2.33 14.40 17.49
N ILE A 57 -3.15 15.38 17.16
CA ILE A 57 -3.60 16.34 18.15
C ILE A 57 -5.13 16.45 18.14
N SER A 58 -5.69 16.81 19.29
CA SER A 58 -7.13 16.96 19.43
C SER A 58 -7.54 18.41 19.18
N ASP A 59 -8.83 18.68 19.31
CA ASP A 59 -9.36 20.03 19.07
C ASP A 59 -8.87 21.01 20.13
N ASN A 60 -8.67 20.54 21.36
CA ASN A 60 -8.23 21.41 22.45
C ASN A 60 -6.71 21.54 22.48
N ASN A 61 -6.03 20.79 21.60
CA ASN A 61 -4.58 20.81 21.48
C ASN A 61 -3.87 20.45 22.79
N ARG A 62 -4.52 19.66 23.64
CA ARG A 62 -3.93 19.26 24.91
C ARG A 62 -3.42 17.83 24.84
N ASP A 63 -4.21 16.95 24.25
CA ASP A 63 -3.85 15.55 24.13
C ASP A 63 -3.00 15.32 22.88
N LYS A 64 -1.75 14.95 23.08
CA LYS A 64 -0.82 14.70 21.99
C LYS A 64 -0.39 13.24 21.98
N LEU A 65 -0.62 12.54 20.89
CA LEU A 65 -0.25 11.14 20.80
C LEU A 65 0.59 10.87 19.55
N TYR A 66 1.66 10.11 19.72
CA TYR A 66 2.55 9.80 18.61
C TYR A 66 2.12 8.50 17.94
N VAL A 67 2.06 8.52 16.61
CA VAL A 67 1.68 7.36 15.84
C VAL A 67 2.66 7.10 14.71
N ASN A 68 3.03 5.84 14.52
CA ASN A 68 3.98 5.46 13.49
C ASN A 68 3.26 4.84 12.31
N ILE A 69 3.58 5.31 11.12
CA ILE A 69 2.98 4.77 9.90
C ILE A 69 3.85 3.63 9.40
N ARG A 70 3.34 2.42 9.47
CA ARG A 70 4.10 1.24 9.05
C ARG A 70 3.35 0.47 7.99
N PRO A 71 4.05 -0.37 7.21
CA PRO A 71 3.42 -1.19 6.18
C PRO A 71 2.60 -2.31 6.80
N MET A 72 1.51 -2.67 6.13
CA MET A 72 0.64 -3.74 6.61
C MET A 72 1.26 -5.10 6.32
N ASP A 73 2.43 -5.32 6.90
CA ASP A 73 3.19 -6.56 6.73
C ASP A 73 3.50 -6.83 5.26
N ASN A 74 3.75 -5.76 4.53
CA ASN A 74 4.04 -5.86 3.10
C ASN A 74 5.54 -5.75 2.83
N SER A 75 6.23 -4.92 3.59
CA SER A 75 7.65 -4.72 3.41
C SER A 75 8.31 -4.28 4.70
N ALA A 76 9.62 -4.05 4.64
CA ALA A 76 10.37 -3.62 5.81
C ALA A 76 10.75 -2.14 5.69
N TRP A 77 10.25 -1.33 6.62
CA TRP A 77 10.53 0.09 6.61
C TRP A 77 11.24 0.50 7.90
N THR A 78 12.16 1.45 7.79
CA THR A 78 12.90 1.94 8.94
C THR A 78 11.99 2.84 9.78
N THR A 79 11.86 2.46 11.05
CA THR A 79 11.01 3.18 11.97
C THR A 79 11.71 4.37 12.61
N ASP A 80 11.05 5.51 12.52
CA ASP A 80 11.55 6.75 13.10
C ASP A 80 10.39 7.46 13.76
N ASN A 81 10.66 8.15 14.85
CA ASN A 81 9.61 8.86 15.58
C ASN A 81 9.19 10.15 14.85
N GLY A 82 9.77 10.39 13.69
CA GLY A 82 9.43 11.57 12.93
C GLY A 82 9.16 11.28 11.46
N VAL A 83 10.11 10.62 10.80
CA VAL A 83 9.95 10.30 9.39
C VAL A 83 10.17 8.80 9.15
N PHE A 84 9.18 8.14 8.61
CA PHE A 84 9.27 6.71 8.35
C PHE A 84 9.75 6.48 6.92
N TYR A 85 10.75 5.63 6.74
CA TYR A 85 11.28 5.40 5.39
C TYR A 85 11.90 4.01 5.26
N LYS A 86 11.84 3.45 4.06
CA LYS A 86 12.41 2.13 3.81
C LYS A 86 13.81 2.25 3.23
N ASN A 87 14.68 1.34 3.64
CA ASN A 87 16.07 1.32 3.17
C ASN A 87 16.14 0.70 1.78
N ASP A 88 15.20 -0.18 1.49
CA ASP A 88 15.15 -0.87 0.21
C ASP A 88 14.87 0.11 -0.92
N VAL A 89 15.67 0.04 -1.98
CA VAL A 89 15.51 0.93 -3.12
C VAL A 89 14.40 0.42 -4.04
N GLY A 90 13.95 1.30 -4.92
CA GLY A 90 12.89 0.93 -5.84
C GLY A 90 11.55 1.45 -5.38
N SER A 91 10.61 1.55 -6.31
CA SER A 91 9.27 2.02 -6.01
C SER A 91 8.59 1.12 -4.99
N TRP A 92 7.44 1.56 -4.50
CA TRP A 92 6.70 0.78 -3.51
C TRP A 92 5.22 0.79 -3.83
N GLY A 93 4.58 -0.33 -3.60
CA GLY A 93 3.16 -0.44 -3.85
C GLY A 93 2.51 -1.42 -2.91
N GLY A 94 1.93 -0.90 -1.84
CA GLY A 94 1.30 -1.77 -0.87
C GLY A 94 0.27 -1.05 -0.03
N THR A 95 0.09 -1.51 1.18
CA THR A 95 -0.87 -0.92 2.09
C THR A 95 -0.17 -0.49 3.38
N ILE A 96 -0.40 0.76 3.79
CA ILE A 96 0.18 1.26 5.02
C ILE A 96 -0.89 1.42 6.08
N GLY A 97 -0.50 1.35 7.33
CA GLY A 97 -1.43 1.49 8.43
C GLY A 97 -0.87 2.36 9.53
N ILE A 98 -1.76 2.93 10.33
CA ILE A 98 -1.34 3.77 11.43
C ILE A 98 -1.24 2.94 12.70
N TYR A 99 -0.06 2.91 13.30
CA TYR A 99 0.16 2.14 14.52
C TYR A 99 0.53 3.08 15.66
N VAL A 100 -0.04 2.86 16.82
CA VAL A 100 0.23 3.70 17.97
C VAL A 100 1.52 3.28 18.67
N ASP A 101 2.24 4.27 19.19
CA ASP A 101 3.47 3.99 19.91
C ASP A 101 3.12 3.75 21.37
N GLY A 102 3.06 2.47 21.76
CA GLY A 102 2.71 2.13 23.12
C GLY A 102 1.21 2.18 23.32
N GLN A 103 0.65 1.18 24.01
CA GLN A 103 -0.79 1.13 24.26
C GLN A 103 -1.25 2.39 24.96
N GLN A 104 -2.29 3.00 24.44
CA GLN A 104 -2.83 4.25 24.98
C GLN A 104 -3.76 4.02 26.17
N THR A 105 -4.21 2.79 26.37
CA THR A 105 -5.13 2.46 27.47
C THR A 105 -6.50 3.11 27.24
N ASN A 106 -6.76 3.47 25.98
CA ASN A 106 -8.03 4.09 25.58
C ASN A 106 -8.31 5.39 26.33
N THR A 107 -7.35 6.31 26.32
CA THR A 107 -7.53 7.60 26.97
C THR A 107 -8.64 8.37 26.27
N PRO A 108 -9.58 8.96 27.03
CA PRO A 108 -10.72 9.72 26.51
C PRO A 108 -10.43 10.47 25.21
N PRO A 109 -10.90 9.93 24.07
CA PRO A 109 -10.69 10.52 22.77
C PRO A 109 -11.78 11.51 22.37
N GLY A 110 -11.81 11.83 21.08
CA GLY A 110 -12.78 12.76 20.54
C GLY A 110 -12.62 12.91 19.04
N ASN A 111 -11.84 13.90 18.65
CA ASN A 111 -11.57 14.14 17.24
C ASN A 111 -10.11 14.49 17.04
N TYR A 112 -9.38 13.64 16.33
CA TYR A 112 -7.97 13.87 16.09
C TYR A 112 -7.67 13.87 14.60
N THR A 113 -6.98 14.89 14.14
CA THR A 113 -6.62 14.98 12.74
C THR A 113 -5.11 14.85 12.58
N LEU A 114 -4.67 13.92 11.74
CA LEU A 114 -3.25 13.71 11.50
C LEU A 114 -2.98 13.70 10.01
N THR A 115 -2.36 14.76 9.53
CA THR A 115 -2.03 14.87 8.12
C THR A 115 -0.69 14.20 7.83
N LEU A 116 -0.72 13.18 6.98
CA LEU A 116 0.49 12.46 6.61
C LEU A 116 0.81 12.72 5.15
N THR A 117 2.03 13.15 4.86
CA THR A 117 2.43 13.44 3.51
C THR A 117 3.54 12.50 3.05
N GLY A 118 3.38 11.97 1.85
CA GLY A 118 4.37 11.06 1.32
C GLY A 118 5.42 11.78 0.50
N GLY A 119 6.54 11.12 0.28
CA GLY A 119 7.61 11.70 -0.51
C GLY A 119 8.85 10.86 -0.42
N TYR A 120 10.01 11.45 -0.66
CA TYR A 120 11.24 10.69 -0.60
C TYR A 120 12.11 11.16 0.57
N TRP A 121 13.20 10.43 0.80
CA TRP A 121 14.14 10.71 1.86
C TRP A 121 15.57 10.66 1.31
N ALA A 122 16.44 11.49 1.86
CA ALA A 122 17.83 11.54 1.43
C ALA A 122 18.78 11.17 2.57
N LYS A 123 19.72 10.26 2.25
CA LYS A 123 20.72 9.78 3.20
C LYS A 123 20.08 9.13 4.43
N ASP A 124 20.31 9.70 5.61
CA ASP A 124 19.77 9.17 6.85
C ASP A 124 20.12 10.09 8.02
N ASN A 125 19.24 10.11 9.02
CA ASN A 125 19.41 10.91 10.26
C ASN A 125 19.40 12.42 10.03
N LYS A 126 19.96 12.88 8.92
CA LYS A 126 20.04 14.31 8.60
C LYS A 126 18.67 14.96 8.40
N GLN A 127 17.63 14.12 8.25
CA GLN A 127 16.26 14.59 8.06
C GLN A 127 16.08 15.25 6.69
N GLY A 128 16.69 14.69 5.68
CA GLY A 128 16.55 15.23 4.34
C GLY A 128 15.32 14.67 3.66
N PHE A 129 14.15 15.05 4.13
CA PHE A 129 12.91 14.56 3.56
C PHE A 129 12.21 15.61 2.71
N THR A 130 11.54 15.15 1.66
CA THR A 130 10.82 16.04 0.78
C THR A 130 9.48 15.42 0.41
N PRO A 131 8.36 16.07 0.80
CA PRO A 131 7.01 15.56 0.52
C PRO A 131 6.57 15.85 -0.92
N SER A 132 6.57 14.81 -1.73
CA SER A 132 6.17 14.91 -3.12
C SER A 132 5.06 13.93 -3.44
N GLY A 133 3.95 14.43 -3.96
CA GLY A 133 2.85 13.57 -4.30
C GLY A 133 1.54 14.04 -3.70
N THR A 134 0.87 13.16 -3.00
CA THR A 134 -0.40 13.48 -2.37
C THR A 134 -0.30 13.40 -0.85
N THR A 135 -1.03 14.25 -0.17
CA THR A 135 -1.04 14.26 1.28
C THR A 135 -2.34 13.61 1.76
N GLY A 136 -2.24 12.75 2.75
CA GLY A 136 -3.40 12.07 3.26
C GLY A 136 -3.72 12.47 4.68
N THR A 137 -4.88 13.08 4.86
CA THR A 137 -5.30 13.51 6.18
C THR A 137 -6.13 12.42 6.82
N THR A 138 -5.56 11.77 7.82
CA THR A 138 -6.27 10.72 8.52
C THR A 138 -6.99 11.30 9.72
N LYS A 139 -8.29 11.04 9.79
CA LYS A 139 -9.10 11.56 10.88
C LYS A 139 -9.50 10.42 11.81
N LEU A 140 -9.20 10.60 13.08
CA LEU A 140 -9.53 9.63 14.09
C LEU A 140 -10.74 10.12 14.87
N THR A 141 -11.88 9.47 14.65
CA THR A 141 -13.11 9.85 15.31
C THR A 141 -13.61 8.72 16.19
N VAL A 142 -14.01 9.03 17.41
CA VAL A 142 -14.52 8.02 18.31
C VAL A 142 -16.04 7.93 18.19
N THR A 143 -16.53 6.73 17.94
CA THR A 143 -17.96 6.50 17.81
C THR A 143 -18.30 5.09 18.26
N LYS B 1 -14.71 -19.29 -2.00
CA LYS B 1 -13.46 -18.53 -1.78
C LYS B 1 -12.95 -17.97 -3.11
N LEU B 2 -12.30 -16.81 -3.05
CA LEU B 2 -11.74 -16.16 -4.23
C LEU B 2 -10.85 -17.13 -4.99
N THR B 3 -11.17 -17.36 -6.26
CA THR B 3 -10.41 -18.30 -7.07
C THR B 3 -9.78 -17.62 -8.27
N ILE B 4 -8.49 -17.86 -8.47
CA ILE B 4 -7.76 -17.30 -9.60
C ILE B 4 -7.47 -18.40 -10.61
N GLU B 5 -7.84 -18.19 -11.86
CA GLU B 5 -7.58 -19.18 -12.89
C GLU B 5 -6.81 -18.56 -14.04
N SER B 6 -5.94 -19.35 -14.63
CA SER B 6 -5.13 -18.88 -15.74
C SER B 6 -5.60 -19.52 -17.04
N THR B 7 -6.00 -18.69 -17.99
CA THR B 7 -6.46 -19.19 -19.28
C THR B 7 -5.72 -18.48 -20.41
N PRO B 8 -4.90 -19.23 -21.18
CA PRO B 8 -4.69 -20.66 -20.98
C PRO B 8 -3.66 -20.94 -19.87
N PHE B 9 -3.60 -22.19 -19.43
CA PHE B 9 -2.65 -22.57 -18.39
C PHE B 9 -1.27 -22.73 -19.01
N ASN B 10 -1.24 -23.24 -20.24
CA ASN B 10 -0.01 -23.43 -20.97
C ASN B 10 0.12 -22.35 -22.04
N VAL B 11 0.79 -21.28 -21.69
CA VAL B 11 0.96 -20.15 -22.61
C VAL B 11 2.24 -20.31 -23.41
N ALA B 12 2.25 -19.75 -24.61
CA ALA B 12 3.42 -19.83 -25.47
C ALA B 12 4.11 -18.47 -25.51
N GLU B 13 5.42 -18.51 -25.71
CA GLU B 13 6.22 -17.29 -25.78
C GLU B 13 5.77 -16.43 -26.96
N GLY B 14 5.26 -15.23 -26.64
CA GLY B 14 4.79 -14.32 -27.66
C GLY B 14 3.29 -14.20 -27.69
N LYS B 15 2.63 -14.68 -26.64
CA LYS B 15 1.18 -14.61 -26.54
C LYS B 15 0.75 -13.95 -25.25
N GLU B 16 -0.54 -13.96 -24.97
CA GLU B 16 -1.07 -13.34 -23.76
C GLU B 16 -1.82 -14.35 -22.90
N VAL B 17 -1.90 -14.08 -21.60
CA VAL B 17 -2.59 -14.95 -20.67
C VAL B 17 -3.59 -14.15 -19.85
N LEU B 18 -4.80 -14.67 -19.71
CA LEU B 18 -5.82 -13.97 -18.95
C LEU B 18 -6.03 -14.63 -17.60
N LEU B 19 -5.66 -13.92 -16.55
CA LEU B 19 -5.83 -14.40 -15.19
C LEU B 19 -7.22 -14.00 -14.70
N LEU B 20 -8.18 -14.89 -14.91
CA LEU B 20 -9.56 -14.63 -14.52
C LEU B 20 -9.78 -14.82 -13.03
N VAL B 21 -10.50 -13.90 -12.44
CA VAL B 21 -10.80 -13.92 -11.02
C VAL B 21 -12.25 -14.34 -10.79
N HIS B 22 -12.45 -15.38 -10.01
CA HIS B 22 -13.79 -15.89 -9.72
C HIS B 22 -14.14 -15.68 -8.24
N ASN B 23 -15.42 -15.44 -7.99
CA ASN B 23 -15.94 -15.24 -6.63
C ASN B 23 -15.37 -13.97 -6.00
N LEU B 24 -15.54 -12.85 -6.68
CA LEU B 24 -15.06 -11.57 -6.18
C LEU B 24 -15.98 -11.03 -5.10
N PRO B 25 -15.43 -10.61 -3.95
CA PRO B 25 -16.22 -10.09 -2.83
C PRO B 25 -16.78 -8.68 -3.09
N GLN B 26 -17.33 -8.07 -2.05
CA GLN B 26 -17.92 -6.74 -2.15
C GLN B 26 -17.05 -5.71 -1.42
N HIS B 27 -17.49 -4.44 -1.45
CA HIS B 27 -16.78 -3.34 -0.79
C HIS B 27 -15.36 -3.22 -1.33
N LEU B 28 -15.24 -3.26 -2.64
CA LEU B 28 -13.94 -3.18 -3.30
C LEU B 28 -13.35 -1.79 -3.19
N PHE B 29 -12.13 -1.71 -2.69
CA PHE B 29 -11.44 -0.45 -2.56
C PHE B 29 -10.35 -0.35 -3.63
N GLY B 30 -9.73 -1.49 -3.94
CA GLY B 30 -8.70 -1.52 -4.94
C GLY B 30 -8.08 -2.89 -5.09
N TYR B 31 -7.73 -3.26 -6.32
CA TYR B 31 -7.11 -4.54 -6.58
C TYR B 31 -5.61 -4.35 -6.68
N SER B 32 -4.84 -5.31 -6.18
CA SER B 32 -3.39 -5.19 -6.24
C SER B 32 -2.76 -6.53 -6.61
N TRP B 33 -2.06 -6.56 -7.73
CA TRP B 33 -1.40 -7.76 -8.20
C TRP B 33 0.08 -7.73 -7.82
N TYR B 34 0.56 -8.82 -7.22
CA TYR B 34 1.93 -8.95 -6.79
C TYR B 34 2.59 -10.16 -7.44
N LYS B 35 3.91 -10.13 -7.56
CA LYS B 35 4.64 -11.24 -8.15
C LYS B 35 5.19 -12.14 -7.06
N GLY B 36 4.47 -13.23 -6.81
CA GLY B 36 4.88 -14.17 -5.79
C GLY B 36 3.72 -14.98 -5.28
N GLU B 37 3.84 -15.48 -4.07
CA GLU B 37 2.78 -16.29 -3.47
C GLU B 37 2.19 -15.61 -2.23
N ARG B 38 2.57 -14.37 -2.00
CA ARG B 38 2.05 -13.63 -0.85
C ARG B 38 1.90 -12.14 -1.17
N CYS B 39 1.26 -11.41 -0.26
CA CYS B 39 1.04 -9.99 -0.45
C CYS B 39 2.24 -9.17 0.04
N ASP B 40 3.18 -8.94 -0.86
CA ASP B 40 4.38 -8.16 -0.54
C ASP B 40 4.11 -6.67 -0.75
N GLY B 41 5.16 -5.90 -0.98
CA GLY B 41 5.02 -4.48 -1.20
C GLY B 41 6.12 -3.96 -2.10
N ASN B 42 7.29 -4.58 -1.99
CA ASN B 42 8.45 -4.20 -2.80
C ASN B 42 8.41 -4.94 -4.13
N CYS B 43 7.61 -5.99 -4.18
CA CYS B 43 7.48 -6.80 -5.39
C CYS B 43 6.06 -6.70 -5.97
N GLN B 44 5.50 -5.50 -5.95
CA GLN B 44 4.15 -5.31 -6.47
C GLN B 44 4.20 -5.12 -7.98
N ILE B 45 3.18 -5.64 -8.65
CA ILE B 45 3.09 -5.52 -10.10
C ILE B 45 2.27 -4.29 -10.46
N ILE B 46 1.05 -4.23 -9.93
CA ILE B 46 0.18 -3.09 -10.24
C ILE B 46 -0.99 -2.97 -9.27
N GLY B 47 -1.42 -1.74 -9.03
CA GLY B 47 -2.55 -1.48 -8.16
C GLY B 47 -3.64 -0.74 -8.91
N TYR B 48 -4.88 -1.17 -8.77
CA TYR B 48 -5.99 -0.55 -9.48
C TYR B 48 -7.15 -0.18 -8.56
N VAL B 49 -7.37 1.12 -8.41
CA VAL B 49 -8.47 1.64 -7.59
C VAL B 49 -9.70 1.82 -8.48
N ILE B 50 -10.65 0.92 -8.36
CA ILE B 50 -11.87 0.93 -9.17
C ILE B 50 -12.66 2.23 -9.05
N GLY B 51 -12.87 2.68 -7.82
CA GLY B 51 -13.65 3.89 -7.55
C GLY B 51 -13.34 5.06 -8.47
N THR B 52 -12.07 5.32 -8.72
CA THR B 52 -11.67 6.43 -9.58
C THR B 52 -10.88 5.95 -10.79
N GLN B 53 -10.81 4.62 -10.95
CA GLN B 53 -10.06 4.01 -12.05
C GLN B 53 -8.59 4.41 -11.97
N CYS B 54 -8.15 4.72 -10.75
CA CYS B 54 -6.78 5.15 -10.49
C CYS B 54 -5.85 3.94 -10.45
N ALA B 55 -5.10 3.73 -11.53
CA ALA B 55 -4.18 2.62 -11.61
C ALA B 55 -2.75 3.11 -11.44
N THR B 56 -2.01 2.48 -10.55
CA THR B 56 -0.62 2.86 -10.32
C THR B 56 0.30 1.65 -10.51
N PRO B 57 1.32 1.79 -11.36
CA PRO B 57 2.28 0.71 -11.63
C PRO B 57 3.23 0.45 -10.48
N GLY B 58 3.62 -0.81 -10.30
CA GLY B 58 4.52 -1.17 -9.24
C GLY B 58 5.92 -1.45 -9.78
N PRO B 59 6.86 -1.85 -8.91
CA PRO B 59 8.24 -2.14 -9.31
C PRO B 59 8.34 -3.30 -10.30
N ALA B 60 7.40 -4.23 -10.21
CA ALA B 60 7.39 -5.40 -11.07
C ALA B 60 6.54 -5.19 -12.31
N TYR B 61 6.08 -3.96 -12.52
CA TYR B 61 5.25 -3.64 -13.68
C TYR B 61 6.11 -3.59 -14.94
N SER B 62 5.85 -4.49 -15.88
CA SER B 62 6.62 -4.53 -17.12
C SER B 62 5.97 -3.67 -18.20
N GLY B 63 4.65 -3.59 -18.17
CA GLY B 63 3.94 -2.80 -19.16
C GLY B 63 3.11 -3.67 -20.06
N ARG B 64 3.00 -4.93 -19.70
CA ARG B 64 2.21 -5.90 -20.46
C ARG B 64 1.00 -6.31 -19.66
N GLU B 65 0.90 -5.77 -18.46
CA GLU B 65 -0.18 -6.08 -17.54
C GLU B 65 -1.40 -5.20 -17.77
N ILE B 66 -2.49 -5.83 -18.14
CA ILE B 66 -3.75 -5.13 -18.37
C ILE B 66 -4.76 -5.57 -17.30
N ILE B 67 -5.15 -4.63 -16.44
CA ILE B 67 -6.07 -4.94 -15.36
C ILE B 67 -7.51 -4.55 -15.73
N TYR B 68 -8.46 -5.38 -15.31
CA TYR B 68 -9.87 -5.13 -15.58
C TYR B 68 -10.63 -4.91 -14.27
N PRO B 69 -11.82 -4.28 -14.34
CA PRO B 69 -12.65 -4.01 -13.14
C PRO B 69 -13.08 -5.29 -12.41
N ASN B 70 -12.92 -6.43 -13.05
CA ASN B 70 -13.28 -7.71 -12.46
C ASN B 70 -12.06 -8.35 -11.79
N ALA B 71 -11.01 -7.54 -11.62
CA ALA B 71 -9.75 -7.94 -10.98
C ALA B 71 -8.90 -8.86 -11.84
N SER B 72 -9.41 -9.26 -13.01
CA SER B 72 -8.65 -10.14 -13.89
C SER B 72 -7.48 -9.40 -14.53
N LEU B 73 -6.38 -10.11 -14.74
CA LEU B 73 -5.19 -9.51 -15.30
C LEU B 73 -4.76 -10.21 -16.59
N LEU B 74 -4.68 -9.43 -17.66
CA LEU B 74 -4.26 -9.96 -18.94
C LEU B 74 -2.83 -9.52 -19.23
N ILE B 75 -1.93 -10.46 -19.29
CA ILE B 75 -0.53 -10.16 -19.55
C ILE B 75 -0.16 -10.58 -20.96
N GLN B 76 0.25 -9.62 -21.77
CA GLN B 76 0.63 -9.89 -23.15
C GLN B 76 2.14 -10.04 -23.28
N ASN B 77 2.58 -10.54 -24.44
CA ASN B 77 4.01 -10.75 -24.70
C ASN B 77 4.63 -11.59 -23.58
N ILE B 78 4.01 -12.74 -23.32
CA ILE B 78 4.47 -13.64 -22.27
C ILE B 78 5.84 -14.22 -22.61
N ILE B 79 6.73 -14.18 -21.62
CA ILE B 79 8.08 -14.69 -21.77
C ILE B 79 8.28 -15.92 -20.89
N GLN B 80 9.47 -16.51 -20.93
CA GLN B 80 9.77 -17.69 -20.13
C GLN B 80 9.81 -17.38 -18.64
N ASN B 81 10.18 -16.14 -18.32
CA ASN B 81 10.28 -15.71 -16.92
C ASN B 81 8.91 -15.48 -16.30
N ASP B 82 7.86 -15.58 -17.12
CA ASP B 82 6.49 -15.38 -16.63
C ASP B 82 5.98 -16.65 -15.98
N THR B 83 6.61 -17.77 -16.29
CA THR B 83 6.24 -19.06 -15.74
C THR B 83 6.36 -19.04 -14.21
N GLY B 84 5.24 -19.20 -13.52
CA GLY B 84 5.28 -19.19 -12.08
C GLY B 84 3.95 -18.87 -11.44
N PHE B 85 4.00 -18.32 -10.24
CA PHE B 85 2.80 -17.99 -9.48
C PHE B 85 2.60 -16.48 -9.40
N TYR B 86 1.34 -16.07 -9.34
CA TYR B 86 0.94 -14.68 -9.22
C TYR B 86 -0.07 -14.54 -8.10
N THR B 87 0.02 -13.47 -7.32
CA THR B 87 -0.89 -13.29 -6.19
C THR B 87 -1.67 -11.98 -6.27
N LEU B 88 -2.96 -12.06 -5.96
CA LEU B 88 -3.84 -10.91 -5.97
C LEU B 88 -4.30 -10.56 -4.57
N HIS B 89 -4.27 -9.28 -4.27
CA HIS B 89 -4.70 -8.77 -2.97
C HIS B 89 -5.95 -7.92 -3.19
N VAL B 90 -7.06 -8.27 -2.54
CA VAL B 90 -8.29 -7.52 -2.74
C VAL B 90 -8.50 -6.51 -1.62
N ILE B 91 -8.00 -5.31 -1.83
CA ILE B 91 -8.13 -4.27 -0.84
C ILE B 91 -9.59 -3.85 -0.72
N LYS B 92 -10.15 -4.07 0.45
CA LYS B 92 -11.53 -3.73 0.71
C LYS B 92 -11.61 -2.75 1.88
N SER B 93 -12.67 -1.95 1.89
CA SER B 93 -12.86 -0.96 2.94
C SER B 93 -13.41 -1.63 4.21
N ASP B 94 -12.98 -2.86 4.46
CA ASP B 94 -13.43 -3.62 5.61
C ASP B 94 -12.28 -4.42 6.22
N LEU B 95 -11.05 -4.01 5.88
CA LEU B 95 -9.82 -4.66 6.38
C LEU B 95 -9.57 -6.02 5.71
N VAL B 96 -10.62 -6.78 5.46
CA VAL B 96 -10.50 -8.09 4.82
C VAL B 96 -10.09 -7.91 3.36
N ASN B 97 -8.79 -7.95 3.11
CA ASN B 97 -8.24 -7.76 1.78
C ASN B 97 -7.94 -9.09 1.09
N GLU B 98 -8.87 -10.05 1.27
CA GLU B 98 -8.80 -11.42 0.72
C GLU B 98 -7.72 -11.62 -0.36
N GLU B 99 -6.76 -12.48 -0.05
CA GLU B 99 -5.65 -12.76 -0.95
C GLU B 99 -5.83 -14.10 -1.65
N ALA B 100 -5.41 -14.17 -2.91
CA ALA B 100 -5.51 -15.39 -3.68
C ALA B 100 -4.28 -15.55 -4.58
N THR B 101 -3.89 -16.78 -4.84
CA THR B 101 -2.72 -17.04 -5.67
C THR B 101 -3.05 -17.98 -6.84
N GLY B 102 -2.53 -17.64 -8.01
CA GLY B 102 -2.74 -18.45 -9.20
C GLY B 102 -1.40 -18.71 -9.87
N GLN B 103 -1.37 -19.58 -10.88
CA GLN B 103 -0.12 -19.87 -11.56
C GLN B 103 -0.34 -20.36 -12.99
N PHE B 104 0.70 -20.25 -13.81
CA PHE B 104 0.64 -20.70 -15.19
C PHE B 104 2.04 -21.05 -15.68
N ARG B 105 2.13 -21.76 -16.78
CA ARG B 105 3.41 -22.17 -17.35
C ARG B 105 3.55 -21.72 -18.79
N VAL B 106 4.78 -21.45 -19.20
CA VAL B 106 5.05 -20.99 -20.55
C VAL B 106 5.95 -21.98 -21.30
N TYR B 107 5.66 -22.20 -22.56
CA TYR B 107 6.45 -23.10 -23.39
C TYR B 107 6.80 -22.43 -24.72
N PRO B 108 7.98 -22.75 -25.28
CA PRO B 108 8.42 -22.18 -26.55
C PRO B 108 7.78 -22.86 -27.76
N GLU B 109 7.59 -22.11 -28.83
CA GLU B 109 7.01 -22.65 -30.05
C GLU B 109 8.02 -22.57 -31.18
N LEU B 110 8.10 -23.63 -31.97
CA LEU B 110 9.02 -23.69 -33.10
C LEU B 110 10.46 -23.68 -32.60
#